data_5MHE
#
_entry.id   5MHE
#
_cell.length_a   131.730
_cell.length_b   55.330
_cell.length_c   61.160
_cell.angle_alpha   90.00
_cell.angle_beta   97.77
_cell.angle_gamma   90.00
#
_symmetry.space_group_name_H-M   'C 1 2 1'
#
loop_
_entity.id
_entity.type
_entity.pdbx_description
1 polymer Fab-fragment
2 polymer Fab-fragment
3 non-polymer 'SULFATE ION'
4 non-polymer "3,5,3',5'-TETRAIODO-L-THYRONINE"
5 non-polymer GLYCEROL
6 water water
#
loop_
_entity_poly.entity_id
_entity_poly.type
_entity_poly.pdbx_seq_one_letter_code
_entity_poly.pdbx_strand_id
1 'polypeptide(L)'
;DIVLNQSPAIMSASPGEKVTMTCNSSSSVSYMHWYQHKPGSSPRLLIYDTSNLASGVPARFSGSGSGTSYSLTISRMEAE
DAATYYCQQRSSYPLTFGAGTKLEITRADAAPTVSIFPPSSEQLTSGGASVVCFLNNFYPKDINVKWKIDGSERQNGVLN
SWTDQDSKDSTYSMSSTLTLTKDEYERHNSYTCEATHKTSTSPIVKSFNRNEC
;
L
2 'polypeptide(L)'
;EVKLEESGGGLVKLGGSLKLSCAASGFTFSSYYMSWVRQTPEKRLELVAAINSNGGSTYYPDTVKGRFTISRDNAKNTLY
LQMSSLKSEDTALYYCARGDYYGSSLYYYAMDYWGQGTSVTVSSAKTTPPSVYPLAPGSAAQTNSMVTLGCLVKGYFPEP
VTVTWNSGSLSSGVHTFPAVLQSDLYTLSSSVTVPSSTWPSETVTCNVAHPASSTKVDKKIVPRDCAAAHHHHHH
;
H
#
loop_
_chem_comp.id
_chem_comp.type
_chem_comp.name
_chem_comp.formula
GOL non-polymer GLYCEROL 'C3 H8 O3'
SO4 non-polymer 'SULFATE ION' 'O4 S -2'
T44 non-polymer 3,5,3',5'-TETRAIODO-L-THYRONINE 'C15 H11 I4 N O4'
#
# COMPACT_ATOMS: atom_id res chain seq x y z
N ASP A 1 24.92 7.59 0.71
CA ASP A 1 23.67 7.42 -0.03
C ASP A 1 23.21 8.78 -0.54
N ILE A 2 23.35 9.03 -1.84
CA ILE A 2 22.89 10.28 -2.41
C ILE A 2 21.38 10.39 -2.20
N VAL A 3 20.94 11.54 -1.74
CA VAL A 3 19.51 11.77 -1.52
C VAL A 3 18.89 12.39 -2.77
N LEU A 4 17.80 11.79 -3.22
CA LEU A 4 17.05 12.30 -4.36
C LEU A 4 15.68 12.82 -3.93
N ASN A 5 15.35 14.03 -4.34
CA ASN A 5 14.13 14.69 -3.90
C ASN A 5 13.15 14.82 -5.08
N GLN A 6 12.13 14.00 -5.08
CA GLN A 6 11.13 14.06 -6.13
C GLN A 6 10.04 15.05 -5.77
N SER A 7 9.59 15.82 -6.77
CA SER A 7 8.48 16.75 -6.62
C SER A 7 7.60 16.72 -7.86
N PRO A 8 6.27 16.82 -7.67
CA PRO A 8 5.55 16.80 -6.39
C PRO A 8 5.51 15.39 -5.75
N ALA A 9 5.22 15.31 -4.46
CA ALA A 9 4.97 13.99 -3.88
C ALA A 9 3.75 13.33 -4.52
N ILE A 10 2.72 14.12 -4.79
CA ILE A 10 1.50 13.61 -5.39
C ILE A 10 0.94 14.68 -6.31
N MET A 11 0.37 14.24 -7.42
CA MET A 11 -0.18 15.17 -8.39
C MET A 11 -1.27 14.45 -9.18
N SER A 12 -2.11 15.22 -9.82
CA SER A 12 -3.18 14.64 -10.60
C SER A 12 -3.28 15.35 -11.94
N ALA A 13 -3.67 14.61 -12.97
CA ALA A 13 -3.80 15.19 -14.30
C ALA A 13 -4.99 14.54 -15.00
N SER A 14 -5.65 15.33 -15.87
CA SER A 14 -6.72 14.86 -16.74
C SER A 14 -6.12 14.10 -17.93
N PRO A 15 -6.77 13.03 -18.39
CA PRO A 15 -6.26 12.38 -19.60
C PRO A 15 -6.15 13.40 -20.73
N GLY A 16 -5.04 13.33 -21.44
CA GLY A 16 -4.73 14.27 -22.48
C GLY A 16 -3.78 15.36 -22.06
N GLU A 17 -3.59 15.55 -20.77
CA GLU A 17 -2.81 16.67 -20.27
C GLU A 17 -1.33 16.30 -20.28
N LYS A 18 -0.48 17.34 -20.43
CA LYS A 18 0.96 17.18 -20.30
C LYS A 18 1.34 17.15 -18.83
N VAL A 19 2.22 16.20 -18.45
CA VAL A 19 2.67 16.01 -17.06
C VAL A 19 4.19 16.09 -17.02
N THR A 20 4.72 16.89 -16.10
CA THR A 20 6.15 16.92 -15.81
C THR A 20 6.36 16.74 -14.32
N MET A 21 7.35 15.92 -13.97
CA MET A 21 7.77 15.74 -12.60
C MET A 21 9.29 15.79 -12.54
N THR A 22 9.81 16.15 -11.38
CA THR A 22 11.24 16.43 -11.24
C THR A 22 11.88 15.57 -10.17
N CYS A 23 13.18 15.32 -10.35
CA CYS A 23 14.00 14.59 -9.40
C CYS A 23 15.24 15.46 -9.20
N ASN A 24 15.37 16.10 -8.04
CA ASN A 24 16.51 16.97 -7.77
C ASN A 24 17.44 16.31 -6.77
N SER A 25 18.73 16.43 -7.04
CA SER A 25 19.74 15.69 -6.32
C SER A 25 20.52 16.62 -5.42
N SER A 26 20.88 16.10 -4.26
CA SER A 26 21.68 16.85 -3.33
C SER A 26 23.14 16.98 -3.84
N SER A 27 23.55 16.05 -4.69
CA SER A 27 24.84 16.04 -5.38
C SER A 27 24.62 15.87 -6.87
N SER A 28 25.64 16.24 -7.63
CA SER A 28 25.72 15.91 -9.05
C SER A 28 25.57 14.42 -9.29
N VAL A 29 24.77 14.05 -10.29
CA VAL A 29 24.85 12.69 -10.81
C VAL A 29 24.89 12.76 -12.33
N SER A 30 25.46 11.73 -12.94
CA SER A 30 25.69 11.77 -14.38
C SER A 30 24.53 11.19 -15.19
N TYR A 31 23.72 10.33 -14.59
CA TYR A 31 22.59 9.69 -15.28
C TYR A 31 21.49 9.43 -14.27
N MET A 32 20.28 9.23 -14.76
CA MET A 32 19.14 8.94 -13.91
C MET A 32 18.26 7.95 -14.63
N HIS A 33 17.80 6.92 -13.93
CA HIS A 33 16.77 6.01 -14.41
C HIS A 33 15.42 6.41 -13.81
N TRP A 34 14.35 5.99 -14.47
CA TRP A 34 13.00 6.12 -13.95
C TRP A 34 12.26 4.80 -14.05
N TYR A 35 11.40 4.55 -13.04
CA TYR A 35 10.64 3.31 -12.91
C TYR A 35 9.17 3.67 -12.70
N GLN A 36 8.28 2.81 -13.20
CA GLN A 36 6.85 2.98 -13.03
C GLN A 36 6.31 1.89 -12.12
N HIS A 37 5.49 2.28 -11.14
CA HIS A 37 5.01 1.29 -10.19
C HIS A 37 3.52 1.47 -9.94
N LYS A 38 2.74 0.46 -10.26
CA LYS A 38 1.29 0.48 -10.05
C LYS A 38 0.88 -0.51 -8.96
N PRO A 39 -0.09 -0.18 -8.12
CA PRO A 39 -0.63 -1.21 -7.23
C PRO A 39 -1.01 -2.43 -8.03
N GLY A 40 -0.71 -3.62 -7.49
CA GLY A 40 -1.00 -4.85 -8.17
C GLY A 40 0.11 -5.39 -9.05
N SER A 41 1.18 -4.63 -9.26
CA SER A 41 2.31 -5.12 -10.05
C SER A 41 3.59 -4.54 -9.45
N SER A 42 4.70 -5.04 -9.94
CA SER A 42 6.01 -4.66 -9.44
C SER A 42 6.60 -3.58 -10.33
N PRO A 43 7.61 -2.86 -9.85
CA PRO A 43 8.18 -1.75 -10.63
C PRO A 43 8.57 -2.16 -12.04
N ARG A 44 8.44 -1.21 -12.96
CA ARG A 44 8.77 -1.39 -14.35
C ARG A 44 9.80 -0.36 -14.80
N LEU A 45 10.91 -0.82 -15.36
CA LEU A 45 11.89 0.11 -15.89
C LEU A 45 11.25 0.91 -17.01
N LEU A 46 11.22 2.22 -16.87
CA LEU A 46 10.63 3.11 -17.85
C LEU A 46 11.68 3.84 -18.69
N ILE A 47 12.66 4.47 -18.07
CA ILE A 47 13.72 5.19 -18.79
C ILE A 47 15.04 4.84 -18.14
N TYR A 48 16.11 4.72 -18.93
CA TYR A 48 17.43 4.41 -18.40
C TYR A 48 18.42 5.38 -19.00
N ASP A 49 19.38 5.82 -18.18
CA ASP A 49 20.41 6.74 -18.61
C ASP A 49 19.79 8.04 -19.11
N THR A 50 18.86 8.53 -18.30
CA THR A 50 18.34 9.89 -18.36
C THR A 50 17.23 10.03 -19.38
N SER A 51 17.39 9.43 -20.57
CA SER A 51 16.53 9.80 -21.67
C SER A 51 16.24 8.67 -22.66
N ASN A 52 16.68 7.44 -22.41
CA ASN A 52 16.40 6.33 -23.30
C ASN A 52 15.18 5.55 -22.83
N LEU A 53 14.25 5.29 -23.74
CA LEU A 53 13.06 4.53 -23.37
C LEU A 53 13.35 3.05 -23.34
N ALA A 54 12.90 2.39 -22.29
CA ALA A 54 13.02 0.95 -22.18
C ALA A 54 12.09 0.28 -23.19
N SER A 55 12.25 -1.03 -23.35
CA SER A 55 11.46 -1.78 -24.32
C SER A 55 9.98 -1.69 -23.98
N GLY A 56 9.17 -1.43 -25.01
CA GLY A 56 7.74 -1.36 -24.84
C GLY A 56 7.20 -0.01 -24.41
N VAL A 57 8.06 0.96 -24.14
CA VAL A 57 7.58 2.19 -23.53
C VAL A 57 7.12 3.16 -24.61
N PRO A 58 5.92 3.70 -24.51
CA PRO A 58 5.42 4.60 -25.56
C PRO A 58 6.16 5.92 -25.61
N ALA A 59 6.21 6.50 -26.81
CA ALA A 59 6.96 7.72 -27.06
C ALA A 59 6.35 8.93 -26.38
N ARG A 60 5.18 8.81 -25.74
CA ARG A 60 4.71 9.93 -24.96
C ARG A 60 5.59 10.17 -23.75
N PHE A 61 6.41 9.20 -23.33
CA PHE A 61 7.33 9.38 -22.20
C PHE A 61 8.67 9.89 -22.71
N SER A 62 9.26 10.82 -21.96
CA SER A 62 10.59 11.31 -22.28
C SER A 62 11.25 11.69 -20.97
N GLY A 63 12.58 11.64 -20.96
CA GLY A 63 13.34 12.03 -19.80
C GLY A 63 14.41 13.02 -20.19
N SER A 64 14.71 13.92 -19.26
CA SER A 64 15.81 14.85 -19.48
C SER A 64 16.47 15.13 -18.13
N GLY A 65 17.62 15.79 -18.18
CA GLY A 65 18.24 16.31 -16.99
C GLY A 65 19.75 16.25 -17.06
N SER A 66 20.39 16.86 -16.06
CA SER A 66 21.84 16.85 -15.90
C SER A 66 22.12 17.44 -14.53
N GLY A 67 23.36 17.31 -14.09
CA GLY A 67 23.83 17.86 -12.83
C GLY A 67 22.96 17.43 -11.64
N THR A 68 22.17 18.36 -11.15
CA THR A 68 21.40 18.11 -9.95
C THR A 68 19.90 18.06 -10.19
N SER A 69 19.44 18.19 -11.44
CA SER A 69 18.00 18.25 -11.68
C SER A 69 17.63 17.47 -12.93
N TYR A 70 16.66 16.56 -12.77
CA TYR A 70 16.24 15.61 -13.79
C TYR A 70 14.72 15.58 -13.81
N SER A 71 14.15 15.22 -14.96
CA SER A 71 12.70 15.30 -15.04
C SER A 71 12.19 14.21 -15.96
N LEU A 72 10.93 13.88 -15.75
CA LEU A 72 10.19 12.93 -16.54
C LEU A 72 8.95 13.63 -17.08
N THR A 73 8.64 13.44 -18.37
CA THR A 73 7.54 14.17 -18.97
C THR A 73 6.68 13.18 -19.76
N ILE A 74 5.37 13.31 -19.61
CA ILE A 74 4.39 12.58 -20.44
C ILE A 74 3.73 13.62 -21.33
N SER A 75 3.87 13.49 -22.66
CA SER A 75 3.37 14.56 -23.51
C SER A 75 1.86 14.68 -23.43
N ARG A 76 1.18 13.57 -23.21
CA ARG A 76 -0.27 13.50 -23.31
C ARG A 76 -0.68 12.31 -22.43
N MET A 77 -1.21 12.61 -21.24
CA MET A 77 -1.43 11.57 -20.27
C MET A 77 -2.53 10.59 -20.69
N GLU A 78 -2.26 9.30 -20.57
CA GLU A 78 -3.31 8.28 -20.63
C GLU A 78 -3.68 7.83 -19.21
N ALA A 79 -4.90 7.31 -19.07
CA ALA A 79 -5.36 6.81 -17.78
C ALA A 79 -4.43 5.74 -17.23
N GLU A 80 -3.90 4.88 -18.12
CA GLU A 80 -2.99 3.83 -17.71
C GLU A 80 -1.66 4.39 -17.22
N ASP A 81 -1.45 5.70 -17.28
CA ASP A 81 -0.24 6.33 -16.76
C ASP A 81 -0.34 6.65 -15.26
N ALA A 82 -1.51 6.44 -14.66
CA ALA A 82 -1.64 6.58 -13.21
C ALA A 82 -0.76 5.53 -12.54
N ALA A 83 0.14 5.98 -11.65
CA ALA A 83 1.17 5.11 -11.07
C ALA A 83 2.05 5.99 -10.21
N THR A 84 2.92 5.35 -9.44
CA THR A 84 4.02 6.05 -8.77
C THR A 84 5.28 5.92 -9.61
N TYR A 85 5.93 7.04 -9.86
CA TYR A 85 7.14 7.11 -10.68
C TYR A 85 8.31 7.38 -9.75
N TYR A 86 9.36 6.57 -9.86
CA TYR A 86 10.57 6.69 -9.05
C TYR A 86 11.78 6.99 -9.93
N CYS A 87 12.62 7.91 -9.48
CA CYS A 87 13.91 8.10 -10.12
C CYS A 87 14.98 7.35 -9.35
N GLN A 88 16.04 6.94 -10.05
CA GLN A 88 17.14 6.23 -9.42
C GLN A 88 18.44 6.77 -9.97
N GLN A 89 19.38 7.15 -9.10
CA GLN A 89 20.69 7.53 -9.63
C GLN A 89 21.63 6.34 -9.70
N ARG A 90 22.59 6.43 -10.63
CA ARG A 90 23.49 5.32 -10.92
C ARG A 90 24.93 5.77 -10.98
N SER A 91 25.26 6.90 -10.37
CA SER A 91 26.59 7.50 -10.41
C SER A 91 27.40 7.25 -9.13
N SER A 92 26.74 6.90 -8.03
CA SER A 92 27.41 6.60 -6.77
C SER A 92 26.79 5.36 -6.15
N TYR A 93 27.59 4.65 -5.35
CA TYR A 93 27.12 3.47 -4.65
C TYR A 93 26.85 3.80 -3.20
N PRO A 94 25.74 3.30 -2.64
CA PRO A 94 24.71 2.47 -3.27
C PRO A 94 23.87 3.21 -4.27
N LEU A 95 23.35 2.47 -5.24
CA LEU A 95 22.28 3.00 -6.05
C LEU A 95 21.13 3.43 -5.14
N THR A 96 20.59 4.63 -5.35
CA THR A 96 19.50 5.12 -4.50
C THR A 96 18.31 5.58 -5.34
N PHE A 97 17.14 5.52 -4.72
CA PHE A 97 15.86 5.92 -5.33
C PHE A 97 15.29 7.14 -4.62
N GLY A 98 14.64 7.99 -5.40
CA GLY A 98 13.73 8.99 -4.86
C GLY A 98 12.55 8.34 -4.15
N ALA A 99 11.77 9.19 -3.50
CA ALA A 99 10.63 8.70 -2.74
C ALA A 99 9.39 8.46 -3.59
N GLY A 100 9.44 8.78 -4.87
CA GLY A 100 8.25 8.60 -5.70
C GLY A 100 7.36 9.83 -5.88
N THR A 101 6.85 9.99 -7.10
CA THR A 101 5.78 10.92 -7.40
C THR A 101 4.58 10.07 -7.75
N LYS A 102 3.52 10.19 -6.98
CA LYS A 102 2.28 9.48 -7.26
C LYS A 102 1.46 10.33 -8.23
N LEU A 103 1.20 9.79 -9.41
CA LEU A 103 0.44 10.47 -10.45
C LEU A 103 -0.98 9.91 -10.43
N GLU A 104 -1.93 10.76 -10.07
CA GLU A 104 -3.35 10.37 -10.00
C GLU A 104 -4.11 10.89 -11.21
N ILE A 105 -5.35 10.42 -11.36
CA ILE A 105 -6.22 10.88 -12.44
C ILE A 105 -7.19 11.92 -11.89
N THR A 106 -7.32 13.03 -12.60
CA THR A 106 -8.33 14.02 -12.26
C THR A 106 -9.68 13.58 -12.81
N ARG A 107 -10.72 13.68 -11.98
CA ARG A 107 -12.10 13.45 -12.40
C ARG A 107 -12.97 14.57 -11.82
N ALA A 108 -14.27 14.48 -12.06
CA ALA A 108 -15.16 15.50 -11.53
C ALA A 108 -15.29 15.34 -10.01
N ASP A 109 -15.36 16.47 -9.33
CA ASP A 109 -15.61 16.49 -7.90
C ASP A 109 -16.85 15.68 -7.57
N ALA A 110 -16.79 14.91 -6.50
CA ALA A 110 -17.87 14.02 -6.09
C ALA A 110 -18.04 14.12 -4.59
N ALA A 111 -19.27 14.25 -4.12
CA ALA A 111 -19.41 14.33 -2.68
C ALA A 111 -19.41 12.94 -2.04
N PRO A 112 -18.92 12.82 -0.82
CA PRO A 112 -18.89 11.51 -0.17
C PRO A 112 -20.28 11.06 0.20
N THR A 113 -20.49 9.74 0.17
CA THR A 113 -21.59 9.08 0.85
C THR A 113 -21.11 8.68 2.24
N VAL A 114 -21.76 9.20 3.27
CA VAL A 114 -21.31 9.02 4.64
C VAL A 114 -22.26 8.07 5.36
N SER A 115 -21.68 7.08 6.05
CA SER A 115 -22.37 6.08 6.86
C SER A 115 -21.69 5.95 8.21
N ILE A 116 -22.47 5.91 9.30
CA ILE A 116 -21.95 5.76 10.66
C ILE A 116 -22.50 4.50 11.31
N PHE A 117 -21.65 3.80 12.05
CA PHE A 117 -21.98 2.50 12.63
C PHE A 117 -21.67 2.43 14.13
N PRO A 118 -22.62 1.97 14.93
CA PRO A 118 -22.35 1.79 16.37
C PRO A 118 -21.45 0.60 16.63
N PRO A 119 -20.89 0.53 17.82
CA PRO A 119 -20.20 -0.71 18.24
C PRO A 119 -21.12 -1.92 18.17
N SER A 120 -20.52 -3.06 17.85
CA SER A 120 -21.24 -4.32 17.91
C SER A 120 -21.43 -4.79 19.35
N SER A 121 -22.43 -5.66 19.53
CA SER A 121 -22.59 -6.31 20.82
C SER A 121 -21.40 -7.22 21.11
N GLU A 122 -20.87 -7.86 20.07
CA GLU A 122 -19.66 -8.67 20.19
C GLU A 122 -18.51 -7.88 20.81
N GLN A 123 -18.29 -6.66 20.35
CA GLN A 123 -17.17 -5.88 20.88
C GLN A 123 -17.47 -5.36 22.28
N LEU A 124 -18.70 -4.88 22.50
CA LEU A 124 -19.05 -4.40 23.83
C LEU A 124 -18.86 -5.50 24.87
N THR A 125 -19.26 -6.73 24.53
CA THR A 125 -19.09 -7.86 25.41
C THR A 125 -17.66 -8.00 25.92
N SER A 126 -16.68 -7.61 25.12
CA SER A 126 -15.27 -7.79 25.46
C SER A 126 -14.67 -6.59 26.16
N GLY A 127 -15.45 -5.51 26.36
CA GLY A 127 -14.97 -4.37 27.11
C GLY A 127 -14.59 -3.15 26.30
N GLY A 128 -14.67 -3.21 24.96
CA GLY A 128 -14.34 -2.09 24.12
C GLY A 128 -15.52 -1.61 23.29
N ALA A 129 -15.33 -0.47 22.63
CA ALA A 129 -16.37 0.15 21.82
C ALA A 129 -15.73 0.97 20.71
N SER A 130 -15.92 0.56 19.46
CA SER A 130 -15.46 1.31 18.31
C SER A 130 -16.66 1.79 17.50
N VAL A 131 -16.64 3.08 17.17
CA VAL A 131 -17.62 3.69 16.27
C VAL A 131 -16.94 3.88 14.92
N VAL A 132 -17.57 3.45 13.84
CA VAL A 132 -16.95 3.52 12.52
C VAL A 132 -17.74 4.47 11.64
N CYS A 133 -17.01 5.26 10.85
CA CYS A 133 -17.60 6.11 9.85
C CYS A 133 -16.94 5.84 8.50
N PHE A 134 -17.75 5.53 7.49
CA PHE A 134 -17.26 5.42 6.12
C PHE A 134 -17.66 6.66 5.33
N LEU A 135 -16.72 7.16 4.54
CA LEU A 135 -16.90 8.31 3.65
C LEU A 135 -16.51 7.81 2.27
N ASN A 136 -17.49 7.45 1.44
CA ASN A 136 -17.22 6.61 0.28
C ASN A 136 -17.37 7.36 -1.04
N ASN A 137 -16.45 7.08 -1.97
CA ASN A 137 -16.55 7.46 -3.37
C ASN A 137 -16.65 8.98 -3.58
N PHE A 138 -15.63 9.69 -3.12
CA PHE A 138 -15.60 11.13 -3.23
C PHE A 138 -14.37 11.55 -4.02
N TYR A 139 -14.36 12.82 -4.41
CA TYR A 139 -13.24 13.43 -5.13
C TYR A 139 -13.34 14.94 -4.97
N PRO A 140 -12.22 15.61 -4.66
CA PRO A 140 -10.84 15.15 -4.52
C PRO A 140 -10.53 14.48 -3.19
N LYS A 141 -9.28 14.04 -3.07
CA LYS A 141 -8.87 13.19 -1.96
C LYS A 141 -8.94 13.90 -0.62
N ASP A 142 -8.66 15.19 -0.57
CA ASP A 142 -8.65 15.86 0.72
C ASP A 142 -10.05 15.84 1.31
N ILE A 143 -10.14 15.40 2.56
CA ILE A 143 -11.39 15.38 3.29
C ILE A 143 -11.05 15.43 4.77
N ASN A 144 -11.97 15.97 5.57
CA ASN A 144 -11.82 16.05 7.01
C ASN A 144 -13.00 15.34 7.67
N VAL A 145 -12.72 14.59 8.72
CA VAL A 145 -13.74 13.92 9.54
C VAL A 145 -13.60 14.44 10.95
N LYS A 146 -14.73 14.74 11.57
CA LYS A 146 -14.78 15.15 12.96
C LYS A 146 -15.73 14.24 13.70
N TRP A 147 -15.30 13.78 14.87
CA TRP A 147 -16.11 12.96 15.75
C TRP A 147 -16.61 13.80 16.90
N LYS A 148 -17.91 13.72 17.16
CA LYS A 148 -18.50 14.41 18.28
C LYS A 148 -19.31 13.42 19.10
N ILE A 149 -19.09 13.46 20.41
CA ILE A 149 -19.85 12.69 21.36
C ILE A 149 -20.59 13.68 22.24
N ASP A 150 -21.92 13.56 22.26
CA ASP A 150 -22.77 14.47 23.03
C ASP A 150 -22.43 15.92 22.75
N GLY A 151 -22.10 16.20 21.48
CA GLY A 151 -21.84 17.54 21.03
C GLY A 151 -20.40 18.01 21.12
N SER A 152 -19.51 17.26 21.74
CA SER A 152 -18.14 17.74 21.93
C SER A 152 -17.16 16.89 21.11
N GLU A 153 -16.28 17.58 20.38
CA GLU A 153 -15.34 16.91 19.48
C GLU A 153 -14.35 16.02 20.24
N ARG A 154 -14.12 14.82 19.71
CA ARG A 154 -13.09 13.91 20.18
C ARG A 154 -12.03 13.79 19.09
N GLN A 155 -10.77 14.07 19.43
CA GLN A 155 -9.70 13.94 18.44
C GLN A 155 -8.74 12.79 18.72
N ASN A 156 -8.67 12.29 19.95
CA ASN A 156 -7.76 11.19 20.29
C ASN A 156 -8.46 9.84 20.20
N GLY A 157 -7.70 8.83 19.77
CA GLY A 157 -8.23 7.50 19.59
C GLY A 157 -8.96 7.32 18.27
N VAL A 158 -8.54 8.05 17.24
CA VAL A 158 -9.15 8.00 15.92
C VAL A 158 -8.14 7.48 14.92
N LEU A 159 -8.48 6.39 14.25
CA LEU A 159 -7.68 5.81 13.18
C LEU A 159 -8.36 5.99 11.83
N ASN A 160 -7.67 6.64 10.91
CA ASN A 160 -8.18 6.91 9.57
C ASN A 160 -7.39 6.16 8.50
N SER A 161 -8.06 5.79 7.42
CA SER A 161 -7.40 5.10 6.33
C SER A 161 -8.10 5.44 5.02
N TRP A 162 -7.34 5.80 4.00
CA TRP A 162 -7.83 6.11 2.66
C TRP A 162 -7.52 4.96 1.73
N THR A 163 -8.45 4.64 0.83
CA THR A 163 -8.19 3.69 -0.22
C THR A 163 -7.33 4.37 -1.29
N ASP A 164 -6.69 3.55 -2.11
CA ASP A 164 -6.10 4.02 -3.36
C ASP A 164 -7.20 4.50 -4.30
N GLN A 165 -6.82 5.28 -5.29
CA GLN A 165 -7.79 5.79 -6.25
C GLN A 165 -8.44 4.63 -6.98
N ASP A 166 -9.76 4.68 -7.10
CA ASP A 166 -10.47 3.55 -7.68
C ASP A 166 -10.14 3.41 -9.15
N SER A 167 -9.89 2.17 -9.58
CA SER A 167 -9.52 1.89 -10.97
C SER A 167 -10.68 2.07 -11.93
N LYS A 168 -11.91 1.94 -11.43
CA LYS A 168 -13.08 2.08 -12.28
C LYS A 168 -13.57 3.53 -12.33
N ASP A 169 -13.85 4.16 -11.18
CA ASP A 169 -14.45 5.49 -11.19
C ASP A 169 -13.56 6.61 -10.68
N SER A 170 -12.31 6.32 -10.30
CA SER A 170 -11.30 7.32 -9.96
C SER A 170 -11.60 8.13 -8.71
N THR A 171 -12.55 7.69 -7.89
CA THR A 171 -12.83 8.35 -6.63
C THR A 171 -11.94 7.79 -5.55
N TYR A 172 -12.04 8.40 -4.36
CA TYR A 172 -11.44 7.92 -3.13
C TYR A 172 -12.53 7.60 -2.10
N SER A 173 -12.13 6.76 -1.14
CA SER A 173 -12.94 6.44 0.03
C SER A 173 -12.05 6.49 1.26
N MET A 174 -12.67 6.72 2.41
CA MET A 174 -11.96 6.86 3.68
C MET A 174 -12.82 6.32 4.80
N SER A 175 -12.16 5.67 5.75
CA SER A 175 -12.76 5.09 6.94
C SER A 175 -12.13 5.68 8.18
N SER A 176 -12.95 5.95 9.18
CA SER A 176 -12.50 6.52 10.44
C SER A 176 -13.11 5.73 11.56
N THR A 177 -12.27 5.38 12.52
CA THR A 177 -12.67 4.55 13.65
C THR A 177 -12.28 5.26 14.93
N LEU A 178 -13.27 5.56 15.75
CA LEU A 178 -13.04 6.12 17.07
C LEU A 178 -13.23 5.02 18.10
N THR A 179 -12.21 4.75 18.90
CA THR A 179 -12.31 3.66 19.86
C THR A 179 -12.37 4.21 21.28
N LEU A 180 -13.32 3.69 22.06
CA LEU A 180 -13.68 4.11 23.39
C LEU A 180 -13.65 2.89 24.30
N THR A 181 -13.72 3.14 25.61
CA THR A 181 -14.10 2.08 26.52
C THR A 181 -15.60 1.88 26.45
N LYS A 182 -16.03 0.64 26.67
CA LYS A 182 -17.45 0.36 26.80
C LYS A 182 -18.07 1.25 27.86
N ASP A 183 -17.36 1.47 28.98
CA ASP A 183 -17.92 2.28 30.05
C ASP A 183 -18.13 3.72 29.61
N GLU A 184 -17.16 4.32 28.91
CA GLU A 184 -17.39 5.68 28.40
C GLU A 184 -18.48 5.66 27.32
N TYR A 185 -18.50 4.63 26.50
CA TYR A 185 -19.50 4.53 25.44
C TYR A 185 -20.91 4.51 26.04
N GLU A 186 -21.09 3.74 27.11
CA GLU A 186 -22.41 3.57 27.71
C GLU A 186 -22.81 4.78 28.54
N ARG A 187 -21.95 5.77 28.62
CA ARG A 187 -22.21 6.96 29.40
C ARG A 187 -22.64 8.13 28.54
N HIS A 188 -22.69 7.97 27.22
CA HIS A 188 -23.06 9.05 26.33
C HIS A 188 -24.11 8.56 25.34
N ASN A 189 -24.87 9.50 24.79
CA ASN A 189 -25.98 9.13 23.91
C ASN A 189 -25.70 9.37 22.44
N SER A 190 -25.22 10.55 22.10
CA SER A 190 -25.22 11.06 20.74
C SER A 190 -23.83 10.88 20.14
N TYR A 191 -23.76 10.21 19.01
CA TYR A 191 -22.51 9.91 18.32
C TYR A 191 -22.65 10.39 16.89
N THR A 192 -21.72 11.22 16.48
CA THR A 192 -21.79 11.96 15.24
C THR A 192 -20.47 11.88 14.52
N CYS A 193 -20.55 11.56 13.23
CA CYS A 193 -19.48 11.66 12.24
C CYS A 193 -19.81 12.87 11.37
N GLU A 194 -18.87 13.82 11.28
CA GLU A 194 -19.04 15.08 10.57
C GLU A 194 -17.95 15.20 9.50
N ALA A 195 -18.34 15.34 8.24
CA ALA A 195 -17.41 15.38 7.11
C ALA A 195 -17.44 16.74 6.43
N THR A 196 -16.26 17.30 6.20
CA THR A 196 -16.13 18.51 5.41
C THR A 196 -15.26 18.20 4.20
N HIS A 197 -15.60 18.84 3.09
CA HIS A 197 -15.05 18.49 1.80
C HIS A 197 -15.26 19.67 0.86
N LYS A 198 -14.50 19.68 -0.24
CA LYS A 198 -14.70 20.69 -1.28
C LYS A 198 -16.16 20.77 -1.72
N THR A 199 -16.89 19.66 -1.68
CA THR A 199 -18.25 19.63 -2.19
C THR A 199 -19.32 19.96 -1.15
N SER A 200 -18.99 20.31 0.09
CA SER A 200 -20.07 20.75 0.98
C SER A 200 -19.75 22.10 1.61
N THR A 201 -20.74 23.00 1.58
CA THR A 201 -20.61 24.29 2.24
C THR A 201 -20.62 24.13 3.77
N SER A 202 -21.49 23.29 4.28
CA SER A 202 -21.49 22.88 5.68
C SER A 202 -21.17 21.40 5.78
N PRO A 203 -20.85 20.91 6.96
CA PRO A 203 -20.47 19.50 7.09
C PRO A 203 -21.64 18.56 6.80
N ILE A 204 -21.32 17.41 6.20
CA ILE A 204 -22.23 16.26 6.17
C ILE A 204 -22.22 15.62 7.55
N VAL A 205 -23.40 15.47 8.13
CA VAL A 205 -23.55 14.94 9.48
C VAL A 205 -24.29 13.60 9.42
N LYS A 206 -23.65 12.54 9.91
CA LYS A 206 -24.34 11.29 10.23
C LYS A 206 -24.22 11.00 11.71
N SER A 207 -25.29 10.49 12.30
CA SER A 207 -25.31 10.31 13.75
CA SER A 207 -25.29 10.29 13.74
C SER A 207 -26.19 9.13 14.09
N PHE A 208 -25.99 8.61 15.29
CA PHE A 208 -26.94 7.68 15.88
C PHE A 208 -27.07 8.01 17.37
N ASN A 209 -28.17 7.59 17.95
CA ASN A 209 -28.39 7.71 19.39
C ASN A 209 -28.28 6.33 20.00
N ARG A 210 -27.43 6.18 21.01
CA ARG A 210 -27.29 4.90 21.68
C ARG A 210 -28.60 4.48 22.32
N ASN A 211 -29.47 5.44 22.64
CA ASN A 211 -30.85 5.19 23.07
C ASN A 211 -31.82 5.24 21.89
N GLU A 212 -31.87 4.16 21.12
CA GLU A 212 -32.90 4.06 20.08
C GLU A 212 -32.91 2.66 19.45
N GLU B 1 9.95 -14.96 -22.26
CA GLU B 1 9.17 -14.50 -21.06
C GLU B 1 10.01 -14.58 -19.78
N VAL B 2 10.50 -13.43 -19.33
CA VAL B 2 11.26 -13.37 -18.09
C VAL B 2 10.34 -13.54 -16.90
N LYS B 3 10.76 -14.36 -15.93
CA LYS B 3 9.98 -14.61 -14.74
C LYS B 3 10.93 -14.70 -13.55
N LEU B 4 10.62 -13.94 -12.50
CA LEU B 4 11.34 -13.96 -11.23
C LEU B 4 10.28 -14.16 -10.17
N GLU B 5 10.48 -15.16 -9.32
CA GLU B 5 9.46 -15.56 -8.36
C GLU B 5 10.12 -15.77 -7.01
N GLU B 6 9.82 -14.89 -6.06
CA GLU B 6 10.45 -14.91 -4.75
C GLU B 6 9.65 -15.79 -3.80
N SER B 7 10.33 -16.21 -2.74
CA SER B 7 9.73 -17.00 -1.66
C SER B 7 10.58 -16.79 -0.41
N GLY B 8 10.00 -17.16 0.72
CA GLY B 8 10.73 -17.18 1.97
C GLY B 8 10.31 -16.12 2.97
N GLY B 9 9.54 -15.12 2.56
CA GLY B 9 9.13 -14.08 3.49
C GLY B 9 8.34 -14.62 4.65
N GLY B 10 8.30 -13.84 5.74
CA GLY B 10 7.61 -14.25 6.94
C GLY B 10 7.82 -13.24 8.05
N LEU B 11 7.30 -13.59 9.22
CA LEU B 11 7.46 -12.82 10.44
C LEU B 11 8.63 -13.37 11.25
N VAL B 12 9.53 -12.50 11.68
CA VAL B 12 10.67 -12.88 12.51
C VAL B 12 10.84 -11.84 13.61
N LYS B 13 11.35 -12.29 14.76
CA LYS B 13 11.61 -11.37 15.87
C LYS B 13 12.88 -10.56 15.61
N LEU B 14 13.01 -9.47 16.37
CA LEU B 14 14.17 -8.61 16.24
C LEU B 14 15.42 -9.46 16.44
N GLY B 15 16.43 -9.23 15.60
CA GLY B 15 17.66 -10.00 15.66
C GLY B 15 17.58 -11.38 15.06
N GLY B 16 16.45 -11.76 14.47
CA GLY B 16 16.32 -13.07 13.87
C GLY B 16 16.90 -13.12 12.48
N SER B 17 16.64 -14.25 11.81
CA SER B 17 17.17 -14.53 10.48
C SER B 17 16.08 -15.11 9.59
N LEU B 18 16.23 -14.89 8.29
CA LEU B 18 15.37 -15.44 7.24
C LEU B 18 16.22 -15.69 6.00
N LYS B 19 15.84 -16.67 5.19
CA LYS B 19 16.51 -16.92 3.93
C LYS B 19 15.48 -16.84 2.80
N LEU B 20 15.70 -15.91 1.88
CA LEU B 20 14.84 -15.67 0.74
C LEU B 20 15.41 -16.37 -0.50
N SER B 21 14.52 -16.85 -1.35
CA SER B 21 14.90 -17.48 -2.62
C SER B 21 14.13 -16.82 -3.76
N CYS B 22 14.77 -16.78 -4.92
CA CYS B 22 14.16 -16.28 -6.15
C CYS B 22 14.44 -17.28 -7.27
N ALA B 23 13.38 -17.82 -7.87
CA ALA B 23 13.51 -18.73 -9.00
C ALA B 23 13.43 -17.93 -10.29
N ALA B 24 14.45 -18.02 -11.12
CA ALA B 24 14.52 -17.29 -12.38
C ALA B 24 14.27 -18.24 -13.54
N SER B 25 13.49 -17.78 -14.52
CA SER B 25 13.30 -18.52 -15.75
C SER B 25 13.13 -17.53 -16.89
N GLY B 26 13.15 -18.06 -18.11
CA GLY B 26 12.96 -17.26 -19.29
C GLY B 26 14.20 -16.58 -19.81
N PHE B 27 15.36 -16.82 -19.23
CA PHE B 27 16.58 -16.19 -19.72
C PHE B 27 17.78 -16.96 -19.17
N THR B 28 18.96 -16.61 -19.68
CA THR B 28 20.22 -17.21 -19.24
C THR B 28 20.62 -16.55 -17.93
N PHE B 29 20.19 -17.16 -16.83
CA PHE B 29 20.41 -16.63 -15.50
C PHE B 29 21.89 -16.33 -15.25
N SER B 30 22.75 -17.28 -15.58
CA SER B 30 24.17 -17.13 -15.31
C SER B 30 24.81 -15.95 -16.06
N SER B 31 24.10 -15.30 -16.97
CA SER B 31 24.67 -14.21 -17.77
C SER B 31 24.34 -12.82 -17.26
N TYR B 32 23.64 -12.70 -16.12
CA TYR B 32 23.17 -11.41 -15.65
C TYR B 32 23.59 -11.15 -14.22
N TYR B 33 23.94 -9.88 -13.96
CA TYR B 33 23.94 -9.38 -12.60
C TYR B 33 22.52 -9.48 -12.04
N MET B 34 22.43 -9.75 -10.74
CA MET B 34 21.16 -9.88 -10.04
C MET B 34 21.20 -9.06 -8.75
N SER B 35 20.03 -8.61 -8.29
CA SER B 35 19.97 -7.79 -7.10
C SER B 35 18.74 -8.13 -6.26
N TRP B 36 18.78 -7.69 -5.01
CA TRP B 36 17.59 -7.60 -4.14
C TRP B 36 17.31 -6.13 -3.83
N VAL B 37 16.06 -5.73 -4.07
CA VAL B 37 15.58 -4.37 -3.80
C VAL B 37 14.34 -4.51 -2.93
N ARG B 38 14.18 -3.63 -1.95
CA ARG B 38 13.02 -3.74 -1.07
C ARG B 38 12.16 -2.48 -1.14
N GLN B 39 10.86 -2.68 -0.99
CA GLN B 39 9.89 -1.60 -0.87
C GLN B 39 9.49 -1.50 0.59
N THR B 40 9.76 -0.36 1.22
CA THR B 40 9.44 -0.21 2.63
C THR B 40 7.95 0.09 2.80
N PRO B 41 7.46 0.05 4.03
CA PRO B 41 6.05 0.36 4.23
C PRO B 41 5.69 1.75 3.78
N GLU B 42 6.62 2.70 3.86
CA GLU B 42 6.38 4.04 3.37
C GLU B 42 6.67 4.16 1.89
N LYS B 43 6.86 3.02 1.21
CA LYS B 43 7.00 3.00 -0.25
C LYS B 43 8.30 3.64 -0.73
N ARG B 44 9.34 3.61 0.09
CA ARG B 44 10.66 3.90 -0.41
C ARG B 44 11.21 2.63 -1.03
N LEU B 45 12.07 2.78 -2.03
CA LEU B 45 12.77 1.66 -2.61
C LEU B 45 14.23 1.72 -2.19
N GLU B 46 14.77 0.60 -1.72
CA GLU B 46 16.16 0.53 -1.26
C GLU B 46 16.84 -0.71 -1.83
N LEU B 47 17.97 -0.51 -2.50
CA LEU B 47 18.84 -1.63 -2.82
C LEU B 47 19.37 -2.25 -1.54
N VAL B 48 19.35 -3.59 -1.46
CA VAL B 48 19.90 -4.25 -0.28
C VAL B 48 21.11 -5.13 -0.62
N ALA B 49 21.17 -5.64 -1.85
CA ALA B 49 22.29 -6.50 -2.21
C ALA B 49 22.33 -6.69 -3.71
N ALA B 50 23.56 -6.78 -4.26
CA ALA B 50 23.77 -7.13 -5.66
C ALA B 50 24.90 -8.15 -5.79
N ILE B 51 24.85 -8.93 -6.87
CA ILE B 51 25.81 -10.01 -7.11
C ILE B 51 26.07 -10.11 -8.62
N ASN B 52 27.31 -10.41 -8.99
CA ASN B 52 27.67 -10.50 -10.41
C ASN B 52 27.33 -11.89 -10.96
N SER B 53 27.76 -12.12 -12.22
CA SER B 53 27.34 -13.29 -12.99
C SER B 53 27.67 -14.59 -12.27
N ASN B 54 28.95 -14.79 -11.97
CA ASN B 54 29.32 -15.86 -11.06
C ASN B 54 29.05 -15.38 -9.63
N GLY B 55 29.39 -16.19 -8.65
CA GLY B 55 29.18 -15.72 -7.30
C GLY B 55 30.32 -14.84 -6.79
N GLY B 56 31.13 -14.31 -7.69
CA GLY B 56 32.45 -13.81 -7.31
C GLY B 56 32.41 -12.48 -6.57
N SER B 57 31.73 -11.48 -7.13
CA SER B 57 31.64 -10.19 -6.49
C SER B 57 30.21 -9.97 -5.98
N THR B 58 30.11 -9.18 -4.92
CA THR B 58 28.85 -8.84 -4.28
C THR B 58 28.97 -7.41 -3.77
N TYR B 59 27.83 -6.77 -3.61
CA TYR B 59 27.77 -5.41 -3.10
C TYR B 59 26.63 -5.31 -2.10
N TYR B 60 26.91 -4.64 -0.99
CA TYR B 60 25.93 -4.34 0.06
C TYR B 60 26.06 -2.87 0.47
N PRO B 61 24.95 -2.15 0.62
CA PRO B 61 25.03 -0.85 1.28
C PRO B 61 25.39 -1.02 2.75
N ASP B 62 25.95 0.04 3.33
CA ASP B 62 26.40 -0.03 4.72
C ASP B 62 25.26 -0.39 5.66
N THR B 63 24.02 -0.05 5.31
CA THR B 63 22.89 -0.33 6.19
C THR B 63 22.65 -1.83 6.42
N VAL B 64 23.08 -2.71 5.51
CA VAL B 64 22.93 -4.15 5.68
C VAL B 64 24.24 -4.89 5.61
N LYS B 65 25.36 -4.22 5.35
CA LYS B 65 26.62 -4.92 5.20
C LYS B 65 26.97 -5.64 6.50
N GLY B 66 27.38 -6.91 6.38
CA GLY B 66 27.64 -7.75 7.53
C GLY B 66 26.42 -8.46 8.08
N ARG B 67 25.23 -8.05 7.68
CA ARG B 67 23.97 -8.66 8.13
C ARG B 67 23.34 -9.53 7.08
N PHE B 68 23.41 -9.12 5.82
CA PHE B 68 22.80 -9.82 4.70
C PHE B 68 23.88 -10.45 3.83
N THR B 69 23.60 -11.65 3.33
CA THR B 69 24.48 -12.33 2.37
C THR B 69 23.63 -12.72 1.17
N ILE B 70 24.02 -12.24 -0.02
CA ILE B 70 23.41 -12.60 -1.30
C ILE B 70 24.26 -13.70 -1.93
N SER B 71 23.60 -14.74 -2.45
CA SER B 71 24.30 -15.79 -3.18
C SER B 71 23.42 -16.23 -4.35
N ARG B 72 23.96 -17.13 -5.16
CA ARG B 72 23.25 -17.60 -6.33
C ARG B 72 23.79 -18.98 -6.69
N ASP B 73 22.89 -19.84 -7.13
CA ASP B 73 23.23 -21.13 -7.70
C ASP B 73 22.81 -21.06 -9.18
N ASN B 74 23.79 -20.94 -10.06
CA ASN B 74 23.46 -20.86 -11.48
C ASN B 74 22.99 -22.20 -12.03
N ALA B 75 23.38 -23.30 -11.40
CA ALA B 75 22.87 -24.61 -11.80
C ALA B 75 21.36 -24.63 -11.64
N LYS B 76 20.87 -24.20 -10.50
CA LYS B 76 19.44 -24.21 -10.17
C LYS B 76 18.70 -22.95 -10.62
N ASN B 77 19.36 -22.04 -11.33
CA ASN B 77 18.73 -20.77 -11.71
C ASN B 77 18.02 -20.13 -10.53
N THR B 78 18.76 -19.96 -9.42
CA THR B 78 18.17 -19.54 -8.15
C THR B 78 19.05 -18.49 -7.50
N LEU B 79 18.41 -17.43 -7.00
CA LEU B 79 19.06 -16.38 -6.23
C LEU B 79 18.59 -16.49 -4.79
N TYR B 80 19.50 -16.16 -3.86
CA TYR B 80 19.24 -16.29 -2.44
C TYR B 80 19.59 -14.98 -1.76
N LEU B 81 18.89 -14.72 -0.65
CA LEU B 81 19.28 -13.66 0.27
C LEU B 81 19.15 -14.20 1.68
N GLN B 82 20.29 -14.35 2.36
CA GLN B 82 20.30 -14.69 3.78
C GLN B 82 20.26 -13.40 4.57
N MET B 83 19.24 -13.24 5.41
CA MET B 83 19.00 -12.01 6.12
C MET B 83 19.14 -12.32 7.60
N SER B 84 20.08 -11.66 8.26
CA SER B 84 20.34 -11.98 9.67
C SER B 84 20.45 -10.69 10.47
N SER B 85 20.55 -10.87 11.79
CA SER B 85 20.60 -9.73 12.71
C SER B 85 19.51 -8.71 12.38
N LEU B 86 18.31 -9.21 12.11
CA LEU B 86 17.28 -8.40 11.51
C LEU B 86 16.80 -7.30 12.45
N LYS B 87 16.47 -6.18 11.82
CA LYS B 87 16.04 -4.99 12.53
C LYS B 87 14.66 -4.59 12.06
N SER B 88 13.98 -3.84 12.94
CA SER B 88 12.64 -3.34 12.64
C SER B 88 12.59 -2.73 11.24
N GLU B 89 13.58 -1.94 10.86
CA GLU B 89 13.56 -1.27 9.58
C GLU B 89 13.87 -2.17 8.39
N ASP B 90 14.11 -3.46 8.60
CA ASP B 90 14.17 -4.40 7.49
C ASP B 90 12.79 -4.84 7.03
N THR B 91 11.74 -4.45 7.76
CA THR B 91 10.38 -4.79 7.34
C THR B 91 10.11 -4.19 5.97
N ALA B 92 9.76 -5.04 5.02
CA ALA B 92 9.59 -4.54 3.65
C ALA B 92 9.13 -5.67 2.76
N LEU B 93 8.81 -5.30 1.52
CA LEU B 93 8.57 -6.24 0.44
C LEU B 93 9.87 -6.36 -0.32
N TYR B 94 10.39 -7.59 -0.44
CA TYR B 94 11.68 -7.85 -1.04
C TYR B 94 11.49 -8.34 -2.46
N TYR B 95 11.97 -7.55 -3.42
CA TYR B 95 11.95 -7.91 -4.82
C TYR B 95 13.28 -8.52 -5.24
N CYS B 96 13.19 -9.54 -6.06
CA CYS B 96 14.30 -10.04 -6.86
C CYS B 96 14.32 -9.32 -8.19
N ALA B 97 15.48 -8.79 -8.57
CA ALA B 97 15.52 -7.97 -9.78
C ALA B 97 16.78 -8.24 -10.59
N ARG B 98 16.63 -8.18 -11.90
CA ARG B 98 17.71 -8.48 -12.82
C ARG B 98 18.44 -7.22 -13.24
N GLY B 99 19.77 -7.28 -13.23
CA GLY B 99 20.61 -6.17 -13.63
C GLY B 99 21.20 -6.35 -15.03
N ASP B 100 22.47 -6.00 -15.15
CA ASP B 100 23.10 -5.87 -16.46
C ASP B 100 23.43 -7.24 -17.07
N TYR B 101 23.42 -7.29 -18.40
CA TYR B 101 24.00 -8.43 -19.09
C TYR B 101 25.51 -8.40 -18.90
N TYR B 102 26.09 -9.55 -18.54
CA TYR B 102 27.50 -9.60 -18.23
C TYR B 102 28.34 -8.90 -19.30
N GLY B 103 28.18 -9.30 -20.55
CA GLY B 103 28.98 -8.70 -21.61
C GLY B 103 28.28 -7.57 -22.34
N SER B 104 27.72 -6.61 -21.61
CA SER B 104 26.99 -5.53 -22.27
C SER B 104 27.95 -4.53 -22.92
N SER B 105 29.15 -4.38 -22.39
CA SER B 105 30.14 -3.39 -22.85
C SER B 105 29.76 -2.02 -22.33
N LEU B 106 28.64 -1.90 -21.60
CA LEU B 106 28.17 -0.61 -21.12
C LEU B 106 27.16 -0.95 -20.03
N TYR B 107 27.61 -0.87 -18.77
CA TYR B 107 26.72 -1.20 -17.67
C TYR B 107 25.83 -0.01 -17.33
N TYR B 108 24.55 -0.29 -17.11
CA TYR B 108 23.59 0.77 -16.83
C TYR B 108 23.22 0.86 -15.35
N TYR B 109 23.44 -0.21 -14.59
CA TYR B 109 23.02 -0.26 -13.19
C TYR B 109 21.53 0.08 -13.07
N ALA B 110 20.76 -0.50 -13.99
CA ALA B 110 19.31 -0.42 -13.99
C ALA B 110 18.71 -1.81 -13.81
N MET B 111 17.53 -1.87 -13.21
CA MET B 111 16.86 -3.14 -12.92
C MET B 111 15.76 -3.32 -13.96
N ASP B 112 16.00 -4.19 -14.96
CA ASP B 112 15.06 -4.25 -16.07
C ASP B 112 13.92 -5.26 -15.86
N TYR B 113 14.01 -6.17 -14.90
CA TYR B 113 12.86 -6.99 -14.56
C TYR B 113 12.84 -7.19 -13.05
N TRP B 114 11.64 -7.21 -12.46
CA TRP B 114 11.46 -7.37 -11.02
C TRP B 114 10.41 -8.44 -10.76
N GLY B 115 10.67 -9.29 -9.75
CA GLY B 115 9.67 -10.21 -9.27
C GLY B 115 8.52 -9.50 -8.59
N GLN B 116 7.50 -10.29 -8.23
CA GLN B 116 6.34 -9.74 -7.53
C GLN B 116 6.64 -9.42 -6.08
N GLY B 117 7.67 -10.03 -5.50
CA GLY B 117 8.12 -9.71 -4.16
C GLY B 117 7.68 -10.73 -3.13
N THR B 118 8.44 -10.83 -2.05
CA THR B 118 8.03 -11.61 -0.89
C THR B 118 8.12 -10.69 0.32
N SER B 119 7.18 -10.87 1.24
CA SER B 119 6.92 -9.92 2.31
C SER B 119 7.61 -10.35 3.59
N VAL B 120 8.29 -9.42 4.23
CA VAL B 120 9.04 -9.69 5.44
C VAL B 120 8.65 -8.69 6.50
N THR B 121 8.36 -9.20 7.70
CA THR B 121 8.07 -8.35 8.84
C THR B 121 9.01 -8.70 9.97
N VAL B 122 9.71 -7.70 10.48
CA VAL B 122 10.65 -7.88 11.58
C VAL B 122 10.07 -7.14 12.77
N SER B 123 9.67 -7.88 13.77
CA SER B 123 9.06 -7.27 14.94
C SER B 123 9.08 -8.28 16.07
N SER B 124 9.09 -7.77 17.28
CA SER B 124 8.93 -8.67 18.42
C SER B 124 7.51 -8.68 18.95
N ALA B 125 6.60 -7.94 18.33
CA ALA B 125 5.20 -7.93 18.78
C ALA B 125 4.58 -9.32 18.64
N LYS B 126 3.65 -9.63 19.52
CA LYS B 126 3.06 -10.96 19.56
C LYS B 126 2.02 -11.13 18.46
N THR B 127 2.09 -12.26 17.76
CA THR B 127 1.09 -12.61 16.77
C THR B 127 -0.25 -12.76 17.46
N THR B 128 -1.28 -12.07 16.95
CA THR B 128 -2.59 -12.02 17.61
C THR B 128 -3.69 -12.13 16.56
N PRO B 129 -4.67 -13.01 16.76
CA PRO B 129 -5.73 -13.14 15.78
C PRO B 129 -6.67 -11.94 15.84
N PRO B 130 -7.30 -11.58 14.73
CA PRO B 130 -8.25 -10.45 14.74
C PRO B 130 -9.56 -10.81 15.42
N SER B 131 -10.17 -9.80 16.03
CA SER B 131 -11.59 -9.85 16.34
C SER B 131 -12.35 -9.25 15.17
N VAL B 132 -13.39 -9.93 14.72
CA VAL B 132 -14.16 -9.51 13.56
C VAL B 132 -15.55 -9.07 14.04
N TYR B 133 -15.86 -7.78 13.90
CA TYR B 133 -17.08 -7.20 14.39
C TYR B 133 -17.99 -6.78 13.23
N PRO B 134 -19.30 -7.13 13.24
CA PRO B 134 -20.18 -6.66 12.16
C PRO B 134 -20.54 -5.19 12.33
N LEU B 135 -20.60 -4.48 11.23
CA LEU B 135 -21.01 -3.07 11.23
C LEU B 135 -22.38 -3.02 10.60
N ALA B 136 -23.40 -2.78 11.42
CA ALA B 136 -24.76 -2.61 10.95
C ALA B 136 -25.30 -1.24 11.34
N PRO B 137 -26.11 -0.60 10.49
CA PRO B 137 -26.60 0.75 10.81
C PRO B 137 -27.48 0.79 12.04
N GLY B 138 -27.47 1.94 12.72
CA GLY B 138 -28.31 2.10 13.90
C GLY B 138 -29.79 2.09 13.56
N SER B 139 -30.18 2.69 12.45
CA SER B 139 -31.59 2.88 12.08
C SER B 139 -31.73 3.96 11.00
N ASN B 144 -32.56 5.71 1.51
CA ASN B 144 -31.77 5.47 0.30
C ASN B 144 -32.19 4.17 -0.39
N SER B 145 -31.99 4.09 -1.70
CA SER B 145 -32.19 2.80 -2.34
C SER B 145 -31.06 1.83 -2.04
N MET B 146 -29.92 2.27 -1.50
CA MET B 146 -28.80 1.41 -1.17
C MET B 146 -28.55 1.46 0.34
N VAL B 147 -27.95 0.40 0.88
CA VAL B 147 -27.50 0.43 2.27
C VAL B 147 -26.03 0.00 2.31
N THR B 148 -25.25 0.67 3.16
CA THR B 148 -23.85 0.36 3.36
C THR B 148 -23.69 -0.36 4.69
N LEU B 149 -23.01 -1.49 4.63
CA LEU B 149 -22.68 -2.38 5.73
C LEU B 149 -21.16 -2.46 5.83
N GLY B 150 -20.69 -3.05 6.91
CA GLY B 150 -19.25 -3.16 7.09
C GLY B 150 -18.85 -4.28 8.02
N CYS B 151 -17.53 -4.50 8.05
CA CYS B 151 -16.87 -5.35 9.02
C CYS B 151 -15.64 -4.62 9.51
N LEU B 152 -15.43 -4.70 10.82
CA LEU B 152 -14.26 -4.14 11.47
C LEU B 152 -13.41 -5.31 11.94
N VAL B 153 -12.14 -5.35 11.49
CA VAL B 153 -11.23 -6.45 11.72
C VAL B 153 -10.12 -5.87 12.59
N LYS B 154 -10.25 -6.03 13.91
CA LYS B 154 -9.50 -5.22 14.87
C LYS B 154 -8.51 -6.04 15.72
N GLY B 155 -7.34 -5.46 15.97
CA GLY B 155 -6.44 -5.99 16.98
C GLY B 155 -5.69 -7.22 16.57
N TYR B 156 -5.18 -7.27 15.36
CA TYR B 156 -4.46 -8.43 14.88
C TYR B 156 -3.02 -8.06 14.61
N PHE B 157 -2.20 -9.09 14.45
CA PHE B 157 -0.77 -8.98 14.10
C PHE B 157 -0.23 -10.34 13.70
N PRO B 158 0.58 -10.39 12.62
CA PRO B 158 0.99 -9.34 11.68
C PRO B 158 0.00 -9.17 10.53
N GLU B 159 0.36 -8.35 9.54
CA GLU B 159 -0.34 -8.32 8.26
C GLU B 159 0.01 -9.60 7.52
N PRO B 160 -0.80 -10.00 6.53
CA PRO B 160 -2.03 -9.35 6.07
C PRO B 160 -3.28 -10.06 6.56
N VAL B 161 -4.43 -9.45 6.33
CA VAL B 161 -5.68 -10.19 6.34
C VAL B 161 -6.30 -10.02 4.97
N THR B 162 -7.21 -10.92 4.63
CA THR B 162 -8.05 -10.79 3.45
C THR B 162 -9.50 -10.72 3.89
N VAL B 163 -10.29 -9.95 3.16
CA VAL B 163 -11.73 -9.82 3.41
C VAL B 163 -12.44 -10.02 2.09
N THR B 164 -13.46 -10.85 2.10
CA THR B 164 -14.38 -10.93 0.97
C THR B 164 -15.79 -10.80 1.52
N TRP B 165 -16.76 -10.66 0.61
CA TRP B 165 -18.15 -10.50 1.01
C TRP B 165 -18.96 -11.55 0.29
N ASN B 166 -19.83 -12.24 1.03
CA ASN B 166 -20.62 -13.34 0.48
C ASN B 166 -19.74 -14.29 -0.32
N SER B 167 -18.58 -14.62 0.26
CA SER B 167 -17.61 -15.56 -0.31
C SER B 167 -17.13 -15.12 -1.68
N GLY B 168 -17.09 -13.82 -1.92
CA GLY B 168 -16.65 -13.28 -3.18
C GLY B 168 -17.77 -12.94 -4.15
N SER B 169 -19.01 -13.32 -3.85
CA SER B 169 -20.13 -13.00 -4.73
C SER B 169 -20.41 -11.51 -4.78
N LEU B 170 -20.20 -10.78 -3.68
CA LEU B 170 -20.31 -9.32 -3.68
C LEU B 170 -18.91 -8.79 -3.87
N SER B 171 -18.65 -8.31 -5.08
CA SER B 171 -17.35 -7.74 -5.45
C SER B 171 -17.45 -6.26 -5.78
N SER B 172 -18.45 -5.86 -6.55
CA SER B 172 -18.64 -4.45 -6.80
C SER B 172 -19.23 -3.80 -5.56
N GLY B 173 -18.91 -2.53 -5.37
CA GLY B 173 -19.41 -1.81 -4.22
C GLY B 173 -18.69 -2.12 -2.93
N VAL B 174 -17.50 -2.75 -2.99
CA VAL B 174 -16.73 -3.09 -1.81
C VAL B 174 -15.56 -2.12 -1.70
N HIS B 175 -15.30 -1.64 -0.48
CA HIS B 175 -14.07 -0.90 -0.16
C HIS B 175 -13.44 -1.55 1.06
N THR B 176 -12.28 -2.19 0.86
CA THR B 176 -11.48 -2.71 1.96
C THR B 176 -10.31 -1.76 2.17
N PHE B 177 -10.22 -1.20 3.32
CA PHE B 177 -9.34 -0.08 3.59
C PHE B 177 -8.01 -0.59 4.12
N PRO B 178 -6.89 0.10 3.83
CA PRO B 178 -5.60 -0.37 4.34
C PRO B 178 -5.58 -0.35 5.86
N ALA B 179 -5.00 -1.41 6.42
CA ALA B 179 -4.89 -1.53 7.87
C ALA B 179 -4.03 -0.41 8.44
N VAL B 180 -4.30 -0.05 9.70
CA VAL B 180 -3.52 0.97 10.40
C VAL B 180 -2.90 0.33 11.63
N LEU B 181 -1.59 0.55 11.81
CA LEU B 181 -0.85 0.01 12.93
C LEU B 181 -0.86 1.02 14.07
N GLN B 182 -1.16 0.54 15.28
CA GLN B 182 -1.14 1.39 16.47
C GLN B 182 -0.80 0.47 17.63
N SER B 183 0.34 0.69 18.28
CA SER B 183 0.66 -0.06 19.49
C SER B 183 0.74 -1.56 19.20
N ASP B 184 1.45 -1.91 18.15
CA ASP B 184 1.75 -3.29 17.77
C ASP B 184 0.54 -4.09 17.33
N LEU B 185 -0.61 -3.45 17.12
CA LEU B 185 -1.78 -4.15 16.56
C LEU B 185 -2.35 -3.36 15.39
N TYR B 186 -2.82 -4.10 14.37
CA TYR B 186 -3.45 -3.56 13.18
C TYR B 186 -4.97 -3.54 13.34
N THR B 187 -5.62 -2.51 12.76
CA THR B 187 -7.08 -2.47 12.56
C THR B 187 -7.38 -2.20 11.11
N LEU B 188 -8.33 -2.95 10.57
CA LEU B 188 -8.74 -2.86 9.19
C LEU B 188 -10.26 -2.85 9.16
N SER B 189 -10.85 -2.11 8.24
CA SER B 189 -12.30 -2.14 8.01
C SER B 189 -12.57 -2.40 6.54
N SER B 190 -13.80 -2.84 6.26
CA SER B 190 -14.25 -3.05 4.91
C SER B 190 -15.73 -2.69 4.85
N SER B 191 -16.12 -2.00 3.79
CA SER B 191 -17.50 -1.60 3.58
C SER B 191 -18.03 -2.31 2.34
N VAL B 192 -19.33 -2.58 2.35
CA VAL B 192 -20.00 -3.09 1.16
C VAL B 192 -21.33 -2.37 1.07
N THR B 193 -21.69 -1.95 -0.16
CA THR B 193 -22.94 -1.25 -0.41
C THR B 193 -23.79 -2.10 -1.35
N VAL B 194 -25.04 -2.35 -0.96
CA VAL B 194 -25.92 -3.25 -1.70
C VAL B 194 -27.31 -2.64 -1.76
N PRO B 195 -28.18 -3.13 -2.67
CA PRO B 195 -29.56 -2.63 -2.68
C PRO B 195 -30.25 -2.90 -1.36
N SER B 196 -31.00 -1.92 -0.89
CA SER B 196 -31.80 -2.08 0.32
C SER B 196 -32.80 -3.22 0.21
N SER B 197 -33.12 -3.64 -1.01
CA SER B 197 -34.01 -4.77 -1.23
C SER B 197 -33.35 -6.09 -0.87
N THR B 198 -32.01 -6.12 -0.77
CA THR B 198 -31.29 -7.36 -0.50
C THR B 198 -30.89 -7.52 0.95
N TRP B 199 -30.97 -6.48 1.74
CA TRP B 199 -30.61 -6.58 3.14
C TRP B 199 -31.53 -5.68 3.91
N PRO B 200 -32.10 -6.17 5.03
CA PRO B 200 -31.87 -7.44 5.73
C PRO B 200 -32.67 -8.64 5.23
N SER B 201 -33.36 -8.51 4.08
CA SER B 201 -34.18 -9.64 3.64
C SER B 201 -33.32 -10.83 3.25
N GLU B 202 -32.08 -10.59 2.83
CA GLU B 202 -31.15 -11.65 2.52
C GLU B 202 -29.88 -11.44 3.35
N THR B 203 -29.03 -12.45 3.36
CA THR B 203 -27.85 -12.47 4.23
C THR B 203 -26.68 -11.77 3.53
N VAL B 204 -25.95 -10.96 4.30
CA VAL B 204 -24.68 -10.35 3.86
C VAL B 204 -23.64 -10.77 4.90
N THR B 205 -22.58 -11.42 4.44
CA THR B 205 -21.57 -12.03 5.30
C THR B 205 -20.18 -11.59 4.88
N CYS B 206 -19.36 -11.14 5.83
CA CYS B 206 -17.96 -10.88 5.54
C CYS B 206 -17.10 -12.06 5.96
N ASN B 207 -16.18 -12.41 5.10
CA ASN B 207 -15.33 -13.58 5.24
C ASN B 207 -13.92 -13.05 5.49
N VAL B 208 -13.42 -13.24 6.68
CA VAL B 208 -12.10 -12.71 7.06
C VAL B 208 -11.14 -13.86 7.30
N ALA B 209 -9.90 -13.72 6.77
CA ALA B 209 -8.82 -14.67 7.01
C ALA B 209 -7.54 -13.96 7.42
N HIS B 210 -6.84 -14.59 8.36
CA HIS B 210 -5.56 -14.12 8.89
C HIS B 210 -4.64 -15.34 8.90
N PRO B 211 -4.00 -15.64 7.78
CA PRO B 211 -3.10 -16.79 7.73
C PRO B 211 -2.16 -16.91 8.91
N ALA B 212 -1.60 -15.79 9.38
CA ALA B 212 -0.52 -15.84 10.37
C ALA B 212 -0.95 -16.44 11.70
N SER B 213 -2.25 -16.57 11.94
CA SER B 213 -2.76 -17.20 13.14
C SER B 213 -3.71 -18.34 12.81
N SER B 214 -3.87 -18.66 11.53
CA SER B 214 -4.75 -19.71 11.04
C SER B 214 -6.20 -19.46 11.45
N THR B 215 -6.60 -18.20 11.43
CA THR B 215 -7.96 -17.83 11.80
C THR B 215 -8.77 -17.49 10.56
N LYS B 216 -10.03 -17.87 10.59
CA LYS B 216 -10.95 -17.61 9.49
C LYS B 216 -12.27 -17.39 10.17
N VAL B 217 -12.94 -16.28 9.86
CA VAL B 217 -14.19 -15.91 10.51
C VAL B 217 -15.19 -15.49 9.44
N ASP B 218 -16.43 -15.97 9.58
CA ASP B 218 -17.56 -15.58 8.73
C ASP B 218 -18.57 -14.91 9.65
N LYS B 219 -18.75 -13.61 9.48
CA LYS B 219 -19.61 -12.82 10.34
C LYS B 219 -20.79 -12.31 9.52
N LYS B 220 -21.99 -12.83 9.79
CA LYS B 220 -23.17 -12.24 9.18
C LYS B 220 -23.43 -10.85 9.75
N ILE B 221 -23.98 -9.97 8.93
CA ILE B 221 -24.37 -8.63 9.36
C ILE B 221 -25.84 -8.68 9.74
N VAL B 222 -26.14 -8.66 11.03
CA VAL B 222 -27.52 -8.79 11.50
C VAL B 222 -28.10 -7.41 11.75
N PRO B 223 -29.31 -7.10 11.26
CA PRO B 223 -29.91 -5.79 11.53
C PRO B 223 -30.10 -5.58 13.03
N ARG B 224 -30.10 -4.31 13.44
CA ARG B 224 -30.20 -3.95 14.84
C ARG B 224 -29.13 -4.68 15.66
S SO4 C . -10.18 13.68 23.26
O1 SO4 C . -9.02 13.48 24.12
O2 SO4 C . -10.35 12.52 22.40
O3 SO4 C . -11.34 13.81 24.14
O4 SO4 C . -10.02 14.90 22.46
C1 T44 D . 29.85 -2.87 -7.05
C2 T44 D . 28.78 -2.00 -7.05
C3 T44 D . 27.49 -2.48 -7.30
C4 T44 D . 27.32 -3.84 -7.55
C5 T44 D . 28.42 -4.73 -7.54
C6 T44 D . 29.68 -4.22 -7.28
C7 T44 D . 31.26 -2.28 -6.76
CA T44 D . 32.31 -2.55 -7.87
C T44 D . 31.91 -1.92 -9.15
C1' T44 D . 25.56 -4.16 -9.18
C2' T44 D . 24.20 -3.98 -9.37
C3' T44 D . 23.64 -3.79 -10.63
C4' T44 D . 24.46 -3.81 -11.74
C5' T44 D . 25.84 -4.02 -11.58
C6' T44 D . 26.38 -4.18 -10.31
N T44 D . 33.55 -2.00 -7.42
O4 T44 D . 25.98 -4.35 -7.83
O4' T44 D . 23.89 -3.65 -13.04
O T44 D . 32.05 -0.69 -9.31
OXT T44 D . 31.38 -2.61 -10.11
I3 T44 D . 25.88 -1.08 -7.24
I3' T44 D . 21.55 -3.50 -10.73
I5 T44 D . 28.26 -6.86 -7.86
I5' T44 D . 27.02 -4.02 -13.32
H1 T44 D . 28.91 -1.06 -6.87
H6 T44 D . 30.45 -4.81 -7.28
H71 T44 D . 31.58 -2.66 -5.90
H72 T44 D . 31.17 -1.31 -6.65
HA T44 D . 32.42 -3.54 -8.01
H2' T44 D . 23.62 -3.96 -8.59
H6' T44 D . 27.28 -4.29 -10.55
H T44 D . 33.38 -1.31 -6.83
H2 T44 D . 34.04 -2.66 -7.00
HO4' T44 D . 24.25 -2.92 -13.44
C1 GOL E . 3.09 -12.48 6.89
O1 GOL E . 3.28 -13.49 7.86
C2 GOL E . 4.43 -11.75 6.87
O2 GOL E . 5.20 -12.26 5.81
C3 GOL E . 4.22 -10.27 6.65
O3 GOL E . 5.45 -9.70 6.27
H11 GOL E . 2.87 -12.91 5.91
H12 GOL E . 2.28 -11.81 7.17
HO1 GOL E . 2.44 -13.98 7.98
H2 GOL E . 4.94 -11.92 7.82
HO2 GOL E . 4.75 -12.10 4.96
H31 GOL E . 3.47 -10.10 5.88
H32 GOL E . 3.87 -9.80 7.57
HO3 GOL E . 5.30 -8.83 5.86
C1 GOL F . -11.58 -0.35 -3.06
O1 GOL F . -12.89 -0.72 -3.39
C2 GOL F . -11.03 0.18 -4.39
O2 GOL F . -11.81 1.30 -4.80
C3 GOL F . -9.58 0.58 -4.26
O3 GOL F . -9.15 1.17 -5.47
H11 GOL F . -11.57 0.42 -2.29
H12 GOL F . -11.01 -1.21 -2.72
HO1 GOL F . -13.33 -1.14 -2.62
H2 GOL F . -11.10 -0.60 -5.13
HO2 GOL F . -11.72 2.02 -4.14
H31 GOL F . -9.46 1.30 -3.43
H32 GOL F . -8.97 -0.29 -4.03
HO3 GOL F . -8.32 1.69 -5.32
#